data_2P7O
#
_entry.id   2P7O
#
_cell.length_a   68.579
_cell.length_b   68.579
_cell.length_c   56.835
_cell.angle_alpha   90.00
_cell.angle_beta   90.00
_cell.angle_gamma   90.00
#
_symmetry.space_group_name_H-M   'P 43'
#
loop_
_entity.id
_entity.type
_entity.pdbx_description
1 polymer 'Glyoxalase family protein'
2 non-polymer 'MANGANESE (II) ION'
3 water water
#
_entity_poly.entity_id   1
_entity_poly.type   'polypeptide(L)'
_entity_poly.pdbx_seq_one_letter_code
;MISGLSHITLIVKDLNKTTAFLQNIFNAEEIYSSGDKTFSLSKEKFFLIAGLWICIMEGDSLQERTYNHIAFQIQSEEVD
EYTERIKALGVEMKPERPRVQGEGRSIYFYDFDNHLFELHAGTLEERLKRYHE
;
_entity_poly.pdbx_strand_id   A,B
#
loop_
_chem_comp.id
_chem_comp.type
_chem_comp.name
_chem_comp.formula
MN non-polymer 'MANGANESE (II) ION' 'Mn 2'
#
# COMPACT_ATOMS: atom_id res chain seq x y z
N MET A 1 15.92 -9.17 4.67
CA MET A 1 15.61 -10.40 3.89
C MET A 1 15.57 -10.07 2.42
N ILE A 2 14.70 -9.41 1.69
CA ILE A 2 13.31 -9.08 1.81
C ILE A 2 12.56 -10.37 1.46
N SER A 3 11.91 -11.03 2.39
CA SER A 3 11.22 -12.27 2.01
C SER A 3 9.98 -12.00 1.19
N GLY A 4 9.30 -10.93 1.58
CA GLY A 4 8.01 -10.64 0.94
C GLY A 4 7.36 -9.49 1.67
N LEU A 5 6.10 -9.26 1.33
CA LEU A 5 5.24 -8.32 2.01
C LEU A 5 4.92 -8.95 3.37
N SER A 6 5.04 -8.14 4.41
CA SER A 6 4.56 -8.42 5.75
C SER A 6 3.07 -8.06 5.86
N HIS A 7 2.75 -6.79 5.60
CA HIS A 7 1.34 -6.37 5.78
C HIS A 7 1.24 -4.97 5.21
N ILE A 8 0.00 -4.49 5.10
CA ILE A 8 -0.21 -3.06 4.89
C ILE A 8 -1.15 -2.58 5.99
N THR A 9 -0.91 -1.43 6.55
CA THR A 9 -1.74 -0.90 7.63
C THR A 9 -2.38 0.39 7.12
N LEU A 10 -3.71 0.43 7.18
CA LEU A 10 -4.44 1.64 6.79
C LEU A 10 -5.05 2.28 8.03
N ILE A 11 -5.00 3.62 8.13
CA ILE A 11 -5.63 4.31 9.28
C ILE A 11 -6.98 4.88 8.83
N VAL A 12 -7.99 4.61 9.67
CA VAL A 12 -9.35 4.95 9.29
C VAL A 12 -10.15 5.47 10.47
N LYS A 13 -11.16 6.30 10.18
CA LYS A 13 -11.95 6.91 11.22
C LYS A 13 -12.90 5.96 11.95
N ASP A 14 -13.47 5.09 11.15
CA ASP A 14 -14.51 4.21 11.68
C ASP A 14 -14.25 2.79 11.21
N LEU A 15 -13.76 1.95 12.10
CA LEU A 15 -13.50 0.54 11.85
C LEU A 15 -14.73 -0.23 11.37
N ASN A 16 -15.94 0.17 11.76
CA ASN A 16 -17.09 -0.64 11.36
C ASN A 16 -17.47 -0.38 9.92
N LYS A 17 -17.38 0.90 9.50
CA LYS A 17 -17.64 1.25 8.10
C LYS A 17 -16.58 0.59 7.22
N THR A 18 -15.31 0.66 7.65
CA THR A 18 -14.29 0.07 6.80
C THR A 18 -14.40 -1.45 6.72
N THR A 19 -14.78 -2.09 7.80
CA THR A 19 -15.01 -3.54 7.76
C THR A 19 -16.01 -3.90 6.67
N ALA A 20 -17.04 -3.06 6.55
CA ALA A 20 -18.11 -3.37 5.59
C ALA A 20 -17.57 -3.14 4.18
N PHE A 21 -16.79 -2.06 3.97
CA PHE A 21 -16.18 -1.82 2.68
C PHE A 21 -15.34 -3.02 2.22
N LEU A 22 -14.45 -3.49 3.12
CA LEU A 22 -13.49 -4.51 2.77
C LEU A 22 -14.16 -5.88 2.52
N GLN A 23 -15.11 -6.19 3.39
CA GLN A 23 -15.88 -7.41 3.33
C GLN A 23 -16.87 -7.41 2.14
N ASN A 24 -17.67 -6.37 1.99
CA ASN A 24 -18.61 -6.41 0.85
C ASN A 24 -17.85 -6.38 -0.46
N ILE A 25 -16.86 -5.54 -0.68
CA ILE A 25 -16.13 -5.43 -1.94
C ILE A 25 -15.08 -6.52 -2.13
N PHE A 26 -14.16 -6.63 -1.17
CA PHE A 26 -13.04 -7.52 -1.41
C PHE A 26 -13.26 -8.90 -0.80
N ASN A 27 -14.38 -9.17 -0.15
CA ASN A 27 -14.52 -10.48 0.54
C ASN A 27 -13.44 -10.77 1.55
N ALA A 28 -12.98 -9.67 2.15
CA ALA A 28 -11.89 -9.76 3.14
C ALA A 28 -12.33 -10.60 4.34
N GLU A 29 -11.39 -11.42 4.82
CA GLU A 29 -11.69 -12.34 5.90
C GLU A 29 -11.15 -11.78 7.20
N GLU A 30 -11.96 -11.48 8.17
CA GLU A 30 -11.47 -10.96 9.45
C GLU A 30 -10.70 -12.04 10.23
N ILE A 31 -9.60 -11.60 10.83
CA ILE A 31 -8.60 -12.41 11.49
C ILE A 31 -8.71 -12.39 13.02
N TYR A 32 -8.16 -13.43 13.64
CA TYR A 32 -8.19 -13.85 15.02
C TYR A 32 -9.46 -13.43 15.77
N THR A 38 -9.48 -5.34 24.44
CA THR A 38 -8.98 -3.97 24.41
C THR A 38 -9.99 -2.93 24.89
N PHE A 39 -9.45 -1.84 25.37
CA PHE A 39 -10.04 -0.58 25.78
C PHE A 39 -9.18 0.56 25.23
N SER A 40 -8.39 0.25 24.20
CA SER A 40 -7.61 1.31 23.54
C SER A 40 -8.58 2.30 22.90
N LEU A 41 -8.17 3.55 22.74
CA LEU A 41 -8.88 4.56 21.96
C LEU A 41 -8.23 4.60 20.56
N SER A 42 -7.63 3.46 20.30
CA SER A 42 -7.27 3.04 18.96
C SER A 42 -7.20 1.52 18.94
N LYS A 43 -8.28 0.98 18.38
CA LYS A 43 -8.33 -0.46 18.23
C LYS A 43 -8.00 -0.76 16.77
N GLU A 44 -7.91 -2.06 16.55
CA GLU A 44 -7.39 -2.54 15.28
C GLU A 44 -8.12 -3.80 14.88
N LYS A 45 -8.16 -3.97 13.57
CA LYS A 45 -8.47 -5.27 13.06
C LYS A 45 -7.43 -5.72 12.01
N PHE A 46 -7.30 -7.05 11.95
CA PHE A 46 -6.58 -7.61 10.79
C PHE A 46 -7.56 -8.38 9.89
N PHE A 47 -7.29 -8.30 8.60
CA PHE A 47 -8.03 -9.03 7.58
C PHE A 47 -7.00 -9.66 6.62
N LEU A 48 -7.45 -10.66 5.89
CA LEU A 48 -6.73 -11.30 4.82
C LEU A 48 -7.55 -11.09 3.54
N ILE A 49 -6.84 -10.65 2.52
CA ILE A 49 -7.37 -10.47 1.16
C ILE A 49 -6.37 -11.11 0.18
N ALA A 50 -6.79 -12.30 -0.26
CA ALA A 50 -6.04 -13.03 -1.27
C ALA A 50 -4.56 -13.10 -0.88
N GLY A 51 -4.37 -13.33 0.41
CA GLY A 51 -2.99 -13.59 0.90
C GLY A 51 -2.34 -12.35 1.50
N LEU A 52 -2.90 -11.19 1.20
CA LEU A 52 -2.34 -9.97 1.80
C LEU A 52 -2.95 -9.82 3.20
N TRP A 53 -2.10 -9.62 4.19
CA TRP A 53 -2.46 -9.25 5.55
C TRP A 53 -2.66 -7.75 5.66
N ILE A 54 -3.91 -7.37 5.89
CA ILE A 54 -4.16 -5.95 6.02
C ILE A 54 -4.66 -5.59 7.42
N CYS A 55 -3.98 -4.62 8.03
CA CYS A 55 -4.46 -4.12 9.33
C CYS A 55 -5.16 -2.79 9.14
N ILE A 56 -6.30 -2.63 9.78
CA ILE A 56 -6.85 -1.27 9.82
C ILE A 56 -6.92 -0.80 11.28
N MET A 57 -6.68 0.46 11.51
CA MET A 57 -6.43 1.07 12.82
C MET A 57 -7.16 2.41 12.90
N GLU A 58 -7.97 2.65 13.93
CA GLU A 58 -8.77 3.88 14.02
C GLU A 58 -7.81 5.02 14.34
N GLY A 59 -8.02 6.15 13.68
CA GLY A 59 -7.21 7.35 13.88
C GLY A 59 -7.85 8.55 13.18
N ASP A 60 -7.40 9.72 13.58
CA ASP A 60 -7.62 11.12 13.40
C ASP A 60 -9.03 11.49 12.95
N SER A 61 -9.13 11.68 11.64
CA SER A 61 -10.32 12.17 11.00
C SER A 61 -10.37 12.00 9.49
N LEU A 62 -9.29 12.16 8.74
CA LEU A 62 -9.24 11.99 7.30
C LEU A 62 -7.78 12.11 6.81
N GLN A 63 -7.55 12.45 5.55
CA GLN A 63 -6.30 12.74 4.87
C GLN A 63 -6.55 13.15 3.43
N GLU A 64 -5.92 14.17 2.82
CA GLU A 64 -6.36 14.47 1.46
C GLU A 64 -6.07 13.31 0.49
N ARG A 65 -6.77 13.38 -0.62
CA ARG A 65 -6.80 12.47 -1.74
C ARG A 65 -5.61 12.68 -2.67
N THR A 66 -5.03 11.54 -3.00
CA THR A 66 -3.94 11.50 -3.96
C THR A 66 -4.14 10.26 -4.83
N TYR A 67 -3.16 10.05 -5.68
CA TYR A 67 -3.18 8.94 -6.62
C TYR A 67 -2.33 7.76 -6.18
N ASN A 68 -1.79 7.76 -4.98
CA ASN A 68 -1.19 6.55 -4.33
C ASN A 68 -2.31 5.50 -4.26
N HIS A 69 -2.12 4.26 -4.71
CA HIS A 69 -3.22 3.32 -4.58
C HIS A 69 -2.68 1.89 -4.51
N ILE A 70 -3.56 1.06 -3.95
CA ILE A 70 -3.32 -0.40 -3.87
C ILE A 70 -4.25 -1.00 -4.92
N ALA A 71 -3.73 -1.89 -5.72
CA ALA A 71 -4.55 -2.48 -6.81
C ALA A 71 -4.60 -4.00 -6.57
N PHE A 72 -5.78 -4.60 -6.57
CA PHE A 72 -5.94 -6.04 -6.52
C PHE A 72 -6.34 -6.59 -7.90
N GLN A 73 -5.92 -7.84 -8.12
CA GLN A 73 -6.18 -8.52 -9.36
C GLN A 73 -7.58 -9.18 -9.42
N ILE A 74 -8.30 -8.89 -10.53
CA ILE A 74 -9.56 -9.62 -10.76
C ILE A 74 -9.57 -10.03 -12.23
N GLN A 75 -10.57 -10.86 -12.57
CA GLN A 75 -10.65 -11.29 -13.96
C GLN A 75 -11.61 -10.41 -14.75
N SER A 76 -11.29 -10.30 -16.05
CA SER A 76 -12.09 -9.49 -16.95
C SER A 76 -13.55 -9.84 -16.83
N GLU A 77 -13.93 -11.11 -16.68
CA GLU A 77 -15.36 -11.39 -16.62
C GLU A 77 -16.04 -11.01 -15.30
N GLU A 78 -15.28 -10.43 -14.34
CA GLU A 78 -15.91 -10.01 -13.07
C GLU A 78 -15.98 -8.48 -12.96
N VAL A 79 -15.42 -7.76 -13.92
CA VAL A 79 -15.36 -6.29 -13.78
C VAL A 79 -16.73 -5.66 -13.60
N ASP A 80 -17.72 -5.97 -14.42
CA ASP A 80 -19.03 -5.34 -14.25
C ASP A 80 -19.70 -5.69 -12.92
N GLU A 81 -19.55 -6.93 -12.48
CA GLU A 81 -20.10 -7.37 -11.20
C GLU A 81 -19.49 -6.61 -10.02
N TYR A 82 -18.16 -6.47 -10.04
CA TYR A 82 -17.52 -5.68 -8.97
C TYR A 82 -17.97 -4.23 -9.06
N THR A 83 -18.13 -3.75 -10.31
CA THR A 83 -18.57 -2.36 -10.43
C THR A 83 -19.89 -2.16 -9.70
N GLU A 84 -20.72 -3.18 -9.79
CA GLU A 84 -22.03 -3.07 -9.10
C GLU A 84 -21.84 -3.10 -7.58
N ARG A 85 -20.97 -4.05 -7.18
CA ARG A 85 -20.81 -4.21 -5.74
C ARG A 85 -20.34 -2.88 -5.17
N ILE A 86 -19.50 -2.13 -5.90
CA ILE A 86 -18.98 -0.87 -5.36
C ILE A 86 -20.01 0.22 -5.35
N LYS A 87 -20.76 0.36 -6.44
CA LYS A 87 -21.76 1.43 -6.47
C LYS A 87 -22.80 1.23 -5.37
N ALA A 88 -23.27 0.01 -5.22
CA ALA A 88 -24.16 -0.36 -4.13
C ALA A 88 -23.67 0.10 -2.76
N LEU A 89 -22.37 0.20 -2.58
CA LEU A 89 -21.89 0.65 -1.28
C LEU A 89 -21.95 2.17 -1.24
N GLY A 90 -21.96 2.82 -2.41
CA GLY A 90 -22.16 4.28 -2.38
C GLY A 90 -20.84 5.03 -2.39
N VAL A 91 -19.70 4.35 -2.29
CA VAL A 91 -18.41 5.03 -2.33
C VAL A 91 -18.11 5.79 -3.62
N GLU A 92 -17.18 6.76 -3.50
CA GLU A 92 -16.90 7.57 -4.69
C GLU A 92 -16.16 6.65 -5.66
N MET A 93 -16.54 6.71 -6.93
CA MET A 93 -15.90 5.88 -7.94
C MET A 93 -15.58 6.74 -9.16
N LYS A 94 -14.39 6.53 -9.70
CA LYS A 94 -14.00 7.17 -10.96
C LYS A 94 -14.55 6.32 -12.12
N PRO A 95 -15.65 6.73 -12.72
CA PRO A 95 -16.39 5.98 -13.74
C PRO A 95 -15.57 5.56 -14.96
N GLU A 96 -15.78 4.35 -15.42
CA GLU A 96 -15.03 3.83 -16.56
C GLU A 96 -15.28 4.74 -17.77
N ARG A 97 -14.24 5.01 -18.55
CA ARG A 97 -14.36 5.79 -19.78
C ARG A 97 -14.76 4.91 -20.95
N PRO A 98 -15.09 5.43 -22.11
CA PRO A 98 -15.16 4.55 -23.30
C PRO A 98 -13.85 3.78 -23.46
N ARG A 99 -13.96 2.63 -24.13
CA ARG A 99 -12.77 1.78 -24.24
C ARG A 99 -12.77 1.00 -25.56
N VAL A 100 -11.61 0.74 -26.12
CA VAL A 100 -11.49 -0.08 -27.32
C VAL A 100 -11.35 -1.56 -26.96
N GLN A 101 -11.51 -2.37 -28.03
CA GLN A 101 -11.20 -3.79 -27.87
C GLN A 101 -9.75 -4.09 -27.51
N GLY A 102 -9.52 -5.08 -26.65
CA GLY A 102 -8.24 -5.58 -26.22
C GLY A 102 -7.51 -4.69 -25.23
N GLU A 103 -8.21 -3.74 -24.62
CA GLU A 103 -7.63 -2.90 -23.54
C GLU A 103 -8.16 -3.52 -22.26
N GLY A 104 -7.33 -3.67 -21.24
CA GLY A 104 -7.88 -4.27 -20.03
C GLY A 104 -8.52 -3.15 -19.22
N ARG A 105 -9.43 -3.57 -18.38
CA ARG A 105 -10.25 -2.68 -17.55
C ARG A 105 -9.77 -2.68 -16.11
N SER A 106 -9.83 -1.48 -15.55
CA SER A 106 -9.67 -1.22 -14.13
C SER A 106 -10.87 -0.40 -13.63
N ILE A 107 -11.14 -0.67 -12.35
CA ILE A 107 -12.04 0.14 -11.56
C ILE A 107 -11.29 0.85 -10.43
N TYR A 108 -11.41 2.17 -10.42
CA TYR A 108 -10.75 2.98 -9.41
C TYR A 108 -11.81 3.62 -8.53
N PHE A 109 -11.65 3.48 -7.23
CA PHE A 109 -12.69 3.89 -6.29
C PHE A 109 -12.06 4.14 -4.92
N TYR A 110 -12.71 4.91 -4.07
CA TYR A 110 -12.11 5.26 -2.77
C TYR A 110 -12.81 4.49 -1.66
N ASP A 111 -12.19 4.45 -0.48
CA ASP A 111 -12.96 3.87 0.64
C ASP A 111 -13.71 5.00 1.35
N PHE A 112 -13.85 4.90 2.67
CA PHE A 112 -14.54 5.99 3.38
C PHE A 112 -13.52 6.94 3.99
N ASP A 113 -12.23 6.77 3.67
CA ASP A 113 -11.20 7.58 4.35
C ASP A 113 -10.16 8.09 3.34
N ASN A 114 -10.64 8.43 2.12
CA ASN A 114 -9.71 8.99 1.14
C ASN A 114 -8.52 8.12 0.77
N HIS A 115 -8.62 6.81 0.86
CA HIS A 115 -7.65 5.91 0.23
C HIS A 115 -8.16 5.49 -1.16
N LEU A 116 -7.33 5.59 -2.19
CA LEU A 116 -7.62 5.08 -3.53
C LEU A 116 -7.28 3.60 -3.67
N PHE A 117 -8.26 2.89 -4.25
CA PHE A 117 -8.08 1.45 -4.50
C PHE A 117 -8.41 1.21 -5.98
N GLU A 118 -7.89 0.11 -6.49
CA GLU A 118 -8.12 -0.27 -7.87
C GLU A 118 -8.37 -1.77 -7.89
N LEU A 119 -9.37 -2.17 -8.68
CA LEU A 119 -9.49 -3.55 -9.14
C LEU A 119 -9.06 -3.63 -10.62
N HIS A 120 -8.01 -4.40 -10.85
CA HIS A 120 -7.31 -4.33 -12.13
C HIS A 120 -7.52 -5.68 -12.81
N ALA A 121 -8.13 -5.71 -13.98
CA ALA A 121 -8.07 -6.93 -14.80
C ALA A 121 -7.10 -6.74 -15.96
N GLY A 122 -6.54 -7.84 -16.41
CA GLY A 122 -5.73 -7.90 -17.58
C GLY A 122 -4.30 -7.48 -17.33
N THR A 123 -3.74 -7.02 -18.44
CA THR A 123 -2.31 -6.83 -18.47
C THR A 123 -1.86 -5.80 -17.46
N LEU A 124 -0.75 -6.08 -16.75
CA LEU A 124 -0.21 -5.14 -15.79
C LEU A 124 0.30 -3.86 -16.44
N GLU A 125 -0.23 -2.74 -15.97
CA GLU A 125 0.23 -1.39 -16.36
C GLU A 125 -0.46 -0.43 -15.37
N GLU A 126 0.01 0.82 -15.32
CA GLU A 126 -0.70 1.79 -14.50
C GLU A 126 -1.64 2.55 -15.43
N ARG A 127 -2.88 2.67 -15.00
CA ARG A 127 -3.93 3.19 -15.86
C ARG A 127 -4.45 4.56 -15.47
N LEU A 128 -3.82 5.26 -14.55
CA LEU A 128 -4.28 6.58 -14.11
C LEU A 128 -4.44 7.55 -15.29
N LYS A 129 -3.55 7.42 -16.26
CA LYS A 129 -3.57 8.44 -17.34
C LYS A 129 -4.90 8.41 -18.10
N ARG A 130 -5.61 7.29 -18.03
CA ARG A 130 -6.87 7.16 -18.72
C ARG A 130 -7.93 8.15 -18.21
N TYR A 131 -7.70 8.70 -17.03
CA TYR A 131 -8.69 9.55 -16.39
C TYR A 131 -8.21 11.01 -16.45
N HIS A 132 -7.56 11.30 -17.57
CA HIS A 132 -7.05 12.65 -17.83
C HIS A 132 -7.65 13.14 -19.14
N MET B 1 -14.09 -12.93 -7.38
CA MET B 1 -13.20 -13.10 -6.22
C MET B 1 -11.82 -12.50 -6.42
N ILE B 2 -11.28 -11.84 -5.36
CA ILE B 2 -10.00 -11.23 -5.58
C ILE B 2 -8.95 -12.30 -5.81
N SER B 3 -8.14 -12.09 -6.84
CA SER B 3 -7.28 -13.21 -7.21
C SER B 3 -5.88 -13.03 -6.68
N GLY B 4 -5.45 -11.82 -6.35
CA GLY B 4 -4.13 -11.61 -5.76
C GLY B 4 -3.82 -10.12 -5.73
N LEU B 5 -2.69 -9.69 -5.15
CA LEU B 5 -2.32 -8.30 -5.31
C LEU B 5 -1.83 -8.05 -6.73
N SER B 6 -2.34 -6.99 -7.39
CA SER B 6 -1.77 -6.72 -8.71
C SER B 6 -0.53 -5.83 -8.63
N HIS B 7 -0.65 -4.68 -7.96
CA HIS B 7 0.52 -3.79 -7.80
C HIS B 7 0.17 -2.72 -6.78
N ILE B 8 1.18 -2.01 -6.31
CA ILE B 8 0.94 -0.76 -5.56
C ILE B 8 1.54 0.38 -6.37
N THR B 9 0.84 1.49 -6.41
CA THR B 9 1.44 2.63 -7.08
C THR B 9 1.62 3.79 -6.08
N LEU B 10 2.78 4.43 -6.16
CA LEU B 10 3.11 5.59 -5.31
C LEU B 10 3.51 6.77 -6.19
N ILE B 11 3.06 7.93 -5.73
CA ILE B 11 3.43 9.18 -6.37
C ILE B 11 4.55 9.89 -5.62
N VAL B 12 5.62 10.22 -6.34
CA VAL B 12 6.77 10.88 -5.73
C VAL B 12 7.11 12.07 -6.60
N LYS B 13 7.98 12.92 -6.05
CA LYS B 13 8.44 14.05 -6.85
C LYS B 13 9.53 13.70 -7.87
N ASP B 14 10.55 12.96 -7.39
CA ASP B 14 11.77 12.72 -8.16
C ASP B 14 12.05 11.24 -8.30
N LEU B 15 11.89 10.69 -9.49
CA LEU B 15 12.03 9.26 -9.71
C LEU B 15 13.46 8.76 -9.52
N ASN B 16 14.47 9.61 -9.78
CA ASN B 16 15.81 9.10 -9.49
C ASN B 16 16.06 8.97 -8.00
N LYS B 17 15.64 9.96 -7.19
CA LYS B 17 15.90 9.82 -5.75
C LYS B 17 15.06 8.64 -5.25
N THR B 18 13.83 8.50 -5.75
CA THR B 18 13.06 7.38 -5.14
C THR B 18 13.68 6.06 -5.60
N THR B 19 14.15 6.01 -6.87
CA THR B 19 14.84 4.80 -7.34
C THR B 19 15.99 4.40 -6.40
N ALA B 20 16.85 5.38 -6.08
CA ALA B 20 17.94 5.14 -5.14
C ALA B 20 17.39 4.55 -3.83
N PHE B 21 16.33 5.15 -3.27
CA PHE B 21 15.75 4.62 -2.04
C PHE B 21 15.31 3.15 -2.22
N LEU B 22 14.56 2.91 -3.33
CA LEU B 22 14.06 1.55 -3.43
C LEU B 22 15.22 0.59 -3.68
N GLN B 23 16.23 1.01 -4.45
CA GLN B 23 17.27 0.03 -4.72
C GLN B 23 18.17 -0.15 -3.50
N ASN B 24 18.66 0.93 -2.92
CA ASN B 24 19.55 0.78 -1.77
C ASN B 24 18.92 0.06 -0.59
N ILE B 25 17.66 0.36 -0.27
CA ILE B 25 17.13 -0.25 0.97
C ILE B 25 16.52 -1.60 0.68
N PHE B 26 15.86 -1.74 -0.46
CA PHE B 26 15.08 -2.95 -0.62
C PHE B 26 15.63 -3.86 -1.70
N ASN B 27 16.75 -3.45 -2.30
CA ASN B 27 17.29 -4.13 -3.49
C ASN B 27 16.20 -4.30 -4.56
N ALA B 28 15.38 -3.28 -4.71
CA ALA B 28 14.35 -3.30 -5.77
C ALA B 28 14.96 -3.54 -7.15
N GLU B 29 14.28 -4.38 -7.92
CA GLU B 29 14.70 -4.70 -9.26
C GLU B 29 13.87 -3.91 -10.27
N GLU B 30 14.51 -2.98 -10.96
CA GLU B 30 13.77 -2.16 -11.92
C GLU B 30 13.47 -2.97 -13.17
N ILE B 31 12.18 -3.04 -13.52
CA ILE B 31 11.85 -3.68 -14.77
C ILE B 31 11.61 -2.57 -15.82
N TYR B 32 12.28 -2.68 -16.94
CA TYR B 32 12.13 -1.99 -18.19
C TYR B 32 13.47 -1.71 -18.88
N THR B 38 8.14 8.16 -24.93
CA THR B 38 7.29 9.31 -24.71
C THR B 38 7.83 10.21 -23.58
N PHE B 39 7.80 11.47 -23.90
CA PHE B 39 8.06 12.77 -23.34
C PHE B 39 7.12 13.18 -22.23
N SER B 40 6.70 12.20 -21.42
CA SER B 40 5.58 12.43 -20.51
C SER B 40 6.01 13.34 -19.36
N LEU B 41 4.95 13.91 -18.80
CA LEU B 41 5.09 14.70 -17.58
C LEU B 41 4.90 13.79 -16.39
N SER B 42 4.31 12.62 -16.62
CA SER B 42 4.14 11.70 -15.49
C SER B 42 5.06 10.51 -15.67
N LYS B 43 6.38 10.72 -15.58
CA LYS B 43 7.16 9.53 -15.89
C LYS B 43 6.97 8.50 -14.79
N GLU B 44 7.34 7.27 -15.12
CA GLU B 44 7.00 6.21 -14.19
C GLU B 44 8.04 5.11 -14.37
N LYS B 45 8.01 4.25 -13.36
CA LYS B 45 8.90 3.10 -13.33
C LYS B 45 8.17 1.96 -12.59
N PHE B 46 8.39 0.73 -13.00
CA PHE B 46 8.04 -0.45 -12.23
C PHE B 46 9.27 -1.14 -11.68
N PHE B 47 9.06 -1.68 -10.48
CA PHE B 47 10.08 -2.51 -9.84
C PHE B 47 9.40 -3.76 -9.27
N LEU B 48 10.22 -4.77 -9.05
CA LEU B 48 9.78 -5.90 -8.23
C LEU B 48 10.61 -5.89 -6.95
N ILE B 49 9.90 -6.02 -5.85
CA ILE B 49 10.54 -6.23 -4.54
C ILE B 49 9.89 -7.49 -3.97
N ALA B 50 10.61 -8.59 -3.90
CA ALA B 50 10.05 -9.78 -3.21
C ALA B 50 8.65 -10.17 -3.64
N GLY B 51 8.47 -10.20 -4.97
CA GLY B 51 7.17 -10.68 -5.49
C GLY B 51 6.11 -9.62 -5.65
N LEU B 52 6.44 -8.40 -5.23
CA LEU B 52 5.46 -7.31 -5.34
C LEU B 52 5.83 -6.32 -6.43
N TRP B 53 4.89 -6.07 -7.35
CA TRP B 53 5.11 -5.07 -8.39
C TRP B 53 4.75 -3.68 -7.84
N ILE B 54 5.78 -2.80 -7.81
CA ILE B 54 5.57 -1.43 -7.37
C ILE B 54 5.79 -0.40 -8.47
N CYS B 55 4.79 0.46 -8.71
CA CYS B 55 4.94 1.50 -9.72
C CYS B 55 5.23 2.80 -8.96
N ILE B 56 6.29 3.44 -9.42
CA ILE B 56 6.48 4.81 -8.97
C ILE B 56 6.22 5.80 -10.08
N MET B 57 5.41 6.82 -9.88
CA MET B 57 5.12 7.74 -10.99
C MET B 57 5.28 9.16 -10.45
N GLU B 58 5.68 10.07 -11.30
CA GLU B 58 5.90 11.46 -10.98
C GLU B 58 4.58 12.12 -10.59
N GLY B 59 4.64 12.88 -9.50
CA GLY B 59 3.44 13.68 -9.28
C GLY B 59 3.67 14.73 -8.22
N ASP B 60 3.03 14.55 -7.06
CA ASP B 60 3.30 15.47 -5.95
C ASP B 60 3.56 14.66 -4.69
N SER B 61 4.64 14.90 -3.96
CA SER B 61 5.15 14.06 -2.89
C SER B 61 4.00 13.68 -1.96
N LEU B 62 3.15 14.64 -1.70
CA LEU B 62 3.14 16.04 -1.39
C LEU B 62 2.07 16.21 -0.29
N GLN B 63 1.79 15.07 0.35
CA GLN B 63 0.72 15.09 1.33
C GLN B 63 1.27 15.53 2.69
N GLU B 64 0.57 15.03 3.70
CA GLU B 64 0.96 15.05 5.09
C GLU B 64 1.57 13.68 5.39
N ARG B 65 2.36 13.67 6.45
CA ARG B 65 2.75 12.35 6.95
C ARG B 65 1.53 11.73 7.61
N THR B 66 1.43 10.40 7.49
CA THR B 66 0.45 9.67 8.27
C THR B 66 1.06 8.36 8.74
N TYR B 67 0.27 7.59 9.49
CA TYR B 67 0.65 6.28 9.98
C TYR B 67 0.20 5.18 9.01
N ASN B 68 -0.42 5.48 7.87
CA ASN B 68 -0.57 4.43 6.82
C ASN B 68 0.83 3.94 6.42
N HIS B 69 0.98 2.65 6.10
CA HIS B 69 2.33 2.22 5.70
C HIS B 69 2.25 0.88 5.02
N ILE B 70 3.28 0.57 4.25
CA ILE B 70 3.66 -0.72 3.69
C ILE B 70 4.78 -1.35 4.54
N ALA B 71 4.60 -2.57 5.03
CA ALA B 71 5.65 -3.30 5.76
C ALA B 71 6.12 -4.48 4.89
N PHE B 72 7.43 -4.57 4.77
CA PHE B 72 8.15 -5.66 4.15
C PHE B 72 8.77 -6.58 5.22
N GLN B 73 8.71 -7.89 5.06
CA GLN B 73 9.26 -8.79 6.07
C GLN B 73 10.76 -8.97 5.82
N ILE B 74 11.46 -9.02 6.97
CA ILE B 74 12.91 -9.24 7.00
C ILE B 74 13.14 -10.30 8.10
N GLN B 75 14.34 -10.87 8.13
CA GLN B 75 14.85 -11.72 9.19
C GLN B 75 15.35 -10.88 10.38
N SER B 76 15.18 -11.41 11.59
CA SER B 76 15.56 -10.68 12.80
C SER B 76 17.05 -10.34 12.82
N GLU B 77 17.86 -11.25 12.32
CA GLU B 77 19.30 -11.24 12.21
C GLU B 77 19.84 -10.13 11.34
N GLU B 78 18.90 -9.57 10.53
CA GLU B 78 19.53 -8.49 9.73
C GLU B 78 18.88 -7.15 9.99
N VAL B 79 18.11 -7.04 11.07
CA VAL B 79 17.58 -5.73 11.46
C VAL B 79 18.68 -4.70 11.61
N ASP B 80 19.83 -5.03 12.22
CA ASP B 80 20.82 -3.96 12.43
C ASP B 80 21.48 -3.55 11.12
N GLU B 81 21.69 -4.55 10.27
CA GLU B 81 22.21 -4.13 8.97
C GLU B 81 21.24 -3.22 8.23
N TYR B 82 19.97 -3.57 8.18
CA TYR B 82 19.05 -2.72 7.46
C TYR B 82 19.03 -1.30 7.99
N THR B 83 19.03 -1.15 9.30
CA THR B 83 19.04 0.14 9.99
C THR B 83 20.23 0.95 9.50
N GLU B 84 21.42 0.34 9.54
CA GLU B 84 22.50 1.10 8.90
C GLU B 84 22.30 1.46 7.45
N ARG B 85 21.71 0.67 6.56
CA ARG B 85 21.54 1.19 5.19
C ARG B 85 20.54 2.34 5.18
N ILE B 86 19.43 2.24 5.92
CA ILE B 86 18.46 3.34 5.91
C ILE B 86 19.15 4.58 6.44
N LYS B 87 19.98 4.42 7.47
CA LYS B 87 20.63 5.61 8.02
C LYS B 87 21.54 6.29 7.00
N ALA B 88 21.96 5.52 5.99
CA ALA B 88 22.87 6.01 4.95
C ALA B 88 22.16 6.90 3.93
N LEU B 89 20.86 6.74 3.84
CA LEU B 89 20.07 7.58 2.94
C LEU B 89 19.66 8.86 3.64
N GLY B 90 19.88 8.95 4.96
CA GLY B 90 19.57 10.25 5.61
C GLY B 90 18.08 10.51 5.55
N VAL B 91 17.25 9.48 5.34
CA VAL B 91 15.79 9.66 5.41
C VAL B 91 15.41 9.62 6.89
N GLU B 92 14.21 10.10 7.17
CA GLU B 92 13.64 10.17 8.50
C GLU B 92 13.30 8.76 9.00
N MET B 93 13.83 8.48 10.22
CA MET B 93 13.55 7.21 10.86
C MET B 93 12.92 7.46 12.23
N LYS B 94 12.08 6.55 12.69
CA LYS B 94 11.63 6.59 14.08
C LYS B 94 12.68 5.82 14.90
N PRO B 95 13.30 6.48 15.84
CA PRO B 95 14.36 5.79 16.60
C PRO B 95 13.79 4.52 17.23
N GLU B 96 14.48 3.39 17.11
CA GLU B 96 14.03 2.18 17.80
C GLU B 96 14.10 2.47 19.30
N ARG B 97 13.08 1.98 19.96
CA ARG B 97 12.98 2.09 21.40
C ARG B 97 13.68 0.98 22.17
N PRO B 98 13.83 1.10 23.48
CA PRO B 98 14.32 -0.03 24.29
C PRO B 98 13.39 -1.23 24.20
N ARG B 99 13.97 -2.45 24.23
CA ARG B 99 13.26 -3.68 23.94
C ARG B 99 13.66 -4.86 24.84
N VAL B 100 12.66 -5.70 25.09
CA VAL B 100 12.84 -6.87 25.92
C VAL B 100 13.11 -8.09 25.07
N GLN B 101 13.70 -9.15 25.63
CA GLN B 101 13.92 -10.32 24.76
C GLN B 101 12.61 -10.97 24.36
N GLY B 102 12.59 -11.50 23.15
CA GLY B 102 11.51 -12.03 22.35
C GLY B 102 10.61 -10.96 21.76
N GLU B 103 10.79 -9.65 22.06
CA GLU B 103 9.96 -8.65 21.40
C GLU B 103 10.44 -8.48 19.96
N GLY B 104 9.66 -8.92 18.96
CA GLY B 104 9.94 -8.75 17.55
C GLY B 104 10.29 -7.36 17.14
N ARG B 105 11.26 -7.16 16.22
CA ARG B 105 11.72 -5.82 15.91
C ARG B 105 11.25 -5.33 14.56
N SER B 106 10.89 -4.04 14.52
CA SER B 106 10.64 -3.38 13.24
C SER B 106 11.44 -2.09 13.10
N ILE B 107 11.57 -1.65 11.87
CA ILE B 107 12.20 -0.34 11.63
C ILE B 107 11.13 0.50 10.93
N TYR B 108 10.80 1.70 11.44
CA TYR B 108 9.87 2.56 10.73
C TYR B 108 10.59 3.79 10.17
N PHE B 109 10.32 4.11 8.90
CA PHE B 109 11.11 5.18 8.30
C PHE B 109 10.42 5.63 7.02
N TYR B 110 10.82 6.83 6.60
CA TYR B 110 10.23 7.48 5.46
C TYR B 110 11.14 7.47 4.24
N ASP B 111 10.45 7.58 3.09
CA ASP B 111 11.09 7.93 1.83
C ASP B 111 11.21 9.44 1.68
N PHE B 112 11.34 9.90 0.42
CA PHE B 112 11.56 11.35 0.29
C PHE B 112 10.24 12.07 0.02
N ASP B 113 9.13 11.34 0.14
CA ASP B 113 7.82 11.90 -0.25
C ASP B 113 6.78 11.57 0.81
N ASN B 114 7.20 11.52 2.07
CA ASN B 114 6.27 11.40 3.17
C ASN B 114 5.67 10.03 3.29
N HIS B 115 6.07 9.04 2.49
CA HIS B 115 5.47 7.71 2.68
C HIS B 115 6.22 7.03 3.86
N LEU B 116 5.45 6.37 4.73
CA LEU B 116 6.02 5.59 5.83
C LEU B 116 6.14 4.14 5.42
N PHE B 117 7.34 3.61 5.63
CA PHE B 117 7.58 2.18 5.33
C PHE B 117 7.95 1.52 6.63
N GLU B 118 7.82 0.20 6.64
CA GLU B 118 8.25 -0.60 7.79
C GLU B 118 9.00 -1.81 7.27
N LEU B 119 10.09 -2.16 7.96
CA LEU B 119 10.70 -3.47 7.78
C LEU B 119 10.47 -4.26 9.11
N HIS B 120 9.81 -5.37 8.93
CA HIS B 120 9.22 -6.09 10.05
C HIS B 120 9.86 -7.48 10.18
N ALA B 121 10.37 -7.81 11.36
CA ALA B 121 10.86 -9.16 11.67
C ALA B 121 10.04 -9.76 12.82
N GLY B 122 9.98 -11.08 12.90
CA GLY B 122 9.17 -11.71 13.93
C GLY B 122 7.67 -11.71 13.70
N THR B 123 6.92 -11.95 14.78
CA THR B 123 5.50 -12.24 14.78
C THR B 123 4.67 -11.10 14.23
N LEU B 124 3.75 -11.46 13.32
CA LEU B 124 2.96 -10.43 12.66
C LEU B 124 2.09 -9.73 13.66
N GLU B 125 2.14 -8.41 13.61
CA GLU B 125 1.38 -7.54 14.49
C GLU B 125 1.66 -6.11 14.03
N GLU B 126 0.82 -5.22 14.55
CA GLU B 126 1.07 -3.80 14.29
C GLU B 126 1.80 -3.21 15.49
N ARG B 127 2.94 -2.63 15.18
CA ARG B 127 3.81 -2.13 16.27
C ARG B 127 3.83 -0.61 16.41
N LEU B 128 3.04 0.13 15.66
CA LEU B 128 3.16 1.61 15.72
C LEU B 128 3.00 2.12 17.15
N LYS B 129 2.16 1.47 17.96
CA LYS B 129 1.97 2.02 19.30
C LYS B 129 3.23 2.01 20.15
N ARG B 130 4.38 1.48 19.72
CA ARG B 130 5.58 1.68 20.53
C ARG B 130 6.07 3.10 20.29
N TYR B 131 5.48 3.82 19.35
CA TYR B 131 5.94 5.21 19.16
C TYR B 131 4.83 6.23 19.43
MN MN C . -2.70 1.18 -10.84
MN MN D . 3.03 -2.27 10.72
#